data_6TSE
#
_entry.id   6TSE
#
_cell.length_a   47.070
_cell.length_b   60.594
_cell.length_c   57.846
_cell.angle_alpha   90.000
_cell.angle_beta   98.650
_cell.angle_gamma   90.000
#
_symmetry.space_group_name_H-M   'P 1 21 1'
#
loop_
_entity.id
_entity.type
_entity.pdbx_description
1 polymer 'Tyrosine-protein kinase BTK'
2 non-polymer 'MAGNESIUM ION'
3 non-polymer 1-methylindole-2,3-dione
4 non-polymer 'ZINC ION'
5 water water
#
_entity_poly.entity_id   1
_entity_poly.type   'polypeptide(L)'
_entity_poly.pdbx_seq_one_letter_code
;AAVILESIFLKRSQQKKKTSPLNFKKCLFLLTVHKLSYYEYDFERGRRGSKKGSIDVEKITCVETVVPEKNPPPERQIPR
RGEESSEMEQISIIERFPYPFQVVYDEGPLYVFSPTEELRKRWIHQLKNVIRYNSDLVQKYHPCFWIDGQYLCCSQTAKN
AMGCQILEN
;
_entity_poly.pdbx_strand_id   A,B
#
loop_
_chem_comp.id
_chem_comp.type
_chem_comp.name
_chem_comp.formula
72V non-polymer 1-methylindole-2,3-dione 'C9 H7 N O2'
MG non-polymer 'MAGNESIUM ION' 'Mg 2'
ZN non-polymer 'ZINC ION' 'Zn 2'
#
# COMPACT_ATOMS: atom_id res chain seq x y z
N ALA A 1 4.38 -16.61 4.98
CA ALA A 1 5.19 -17.60 5.69
C ALA A 1 6.66 -17.14 5.67
N ALA A 2 7.64 -18.05 5.46
CA ALA A 2 9.06 -17.69 5.41
C ALA A 2 9.33 -16.78 4.21
N VAL A 3 10.28 -15.87 4.38
CA VAL A 3 10.68 -14.95 3.30
C VAL A 3 11.56 -15.72 2.32
N ILE A 4 11.09 -15.86 1.08
CA ILE A 4 11.80 -16.51 -0.03
C ILE A 4 12.88 -15.57 -0.55
N LEU A 5 12.51 -14.29 -0.82
CA LEU A 5 13.44 -13.31 -1.36
C LEU A 5 13.19 -11.96 -0.70
N GLU A 6 14.26 -11.19 -0.48
CA GLU A 6 14.23 -9.83 0.06
C GLU A 6 15.23 -9.02 -0.75
N SER A 7 14.77 -7.92 -1.39
CA SER A 7 15.65 -7.09 -2.18
C SER A 7 15.22 -5.64 -2.16
N ILE A 8 16.15 -4.76 -2.54
CA ILE A 8 15.85 -3.36 -2.74
C ILE A 8 15.75 -3.11 -4.23
N PHE A 9 14.60 -2.60 -4.72
CA PHE A 9 14.40 -2.34 -6.14
C PHE A 9 13.81 -0.97 -6.29
N LEU A 10 13.76 -0.47 -7.52
CA LEU A 10 12.96 0.73 -7.77
C LEU A 10 11.59 0.25 -8.19
N LYS A 11 10.57 0.96 -7.74
CA LYS A 11 9.19 0.70 -8.12
C LYS A 11 8.73 1.93 -8.90
N ARG A 12 8.16 1.73 -10.08
CA ARG A 12 7.58 2.85 -10.82
C ARG A 12 6.16 3.13 -10.33
N SER A 13 5.82 4.42 -10.21
CA SER A 13 4.48 4.85 -9.83
C SER A 13 3.45 4.45 -10.88
N GLN A 14 2.19 4.35 -10.45
CA GLN A 14 1.02 4.09 -11.27
C GLN A 14 0.61 5.49 -11.75
N GLN A 15 0.77 5.75 -13.07
CA GLN A 15 0.48 7.03 -13.70
C GLN A 15 -1.01 7.37 -13.61
N LYS A 16 -1.34 8.45 -12.88
CA LYS A 16 -2.70 8.94 -12.65
C LYS A 16 -3.26 9.57 -13.95
N LYS A 17 -2.45 10.41 -14.60
CA LYS A 17 -2.77 11.09 -15.86
C LYS A 17 -1.68 10.80 -16.89
N LYS A 18 -2.07 10.68 -18.18
CA LYS A 18 -1.14 10.41 -19.29
C LYS A 18 -0.07 11.50 -19.49
N THR A 19 -0.38 12.74 -19.08
CA THR A 19 0.50 13.92 -19.17
C THR A 19 1.36 14.10 -17.91
N SER A 20 0.98 13.44 -16.79
CA SER A 20 1.66 13.52 -15.48
C SER A 20 3.04 12.83 -15.46
N PRO A 21 4.07 13.42 -14.78
CA PRO A 21 5.39 12.79 -14.74
C PRO A 21 5.46 11.53 -13.87
N LEU A 22 6.30 10.57 -14.27
CA LEU A 22 6.48 9.29 -13.58
C LEU A 22 7.51 9.38 -12.47
N ASN A 23 7.24 8.68 -11.35
CA ASN A 23 8.13 8.65 -10.20
C ASN A 23 8.66 7.23 -10.02
N PHE A 24 9.91 7.13 -9.60
CA PHE A 24 10.62 5.86 -9.38
C PHE A 24 11.14 5.91 -7.98
N LYS A 25 10.66 4.98 -7.18
CA LYS A 25 10.98 5.02 -5.78
C LYS A 25 11.71 3.77 -5.34
N LYS A 26 12.68 3.94 -4.45
CA LYS A 26 13.45 2.83 -3.92
C LYS A 26 12.72 2.20 -2.74
N CYS A 27 12.41 0.89 -2.85
CA CYS A 27 11.60 0.20 -1.85
C CYS A 27 12.23 -1.16 -1.52
N LEU A 28 11.85 -1.71 -0.37
CA LEU A 28 12.24 -3.06 0.00
C LEU A 28 11.09 -3.98 -0.45
N PHE A 29 11.40 -5.05 -1.21
CA PHE A 29 10.41 -6.04 -1.64
C PHE A 29 10.61 -7.36 -0.95
N LEU A 30 9.51 -7.99 -0.51
CA LEU A 30 9.54 -9.30 0.13
C LEU A 30 8.63 -10.23 -0.64
N LEU A 31 9.06 -11.48 -0.81
CA LEU A 31 8.21 -12.47 -1.43
C LEU A 31 8.08 -13.66 -0.48
N THR A 32 6.84 -14.11 -0.25
CA THR A 32 6.54 -15.35 0.49
C THR A 32 5.66 -16.19 -0.48
N VAL A 33 5.34 -17.45 -0.12
CA VAL A 33 4.45 -18.26 -0.99
C VAL A 33 3.03 -17.65 -1.09
N HIS A 34 2.64 -16.80 -0.11
CA HIS A 34 1.31 -16.20 -0.11
C HIS A 34 1.21 -14.78 -0.66
N LYS A 35 2.30 -13.95 -0.49
CA LYS A 35 2.20 -12.54 -0.83
C LYS A 35 3.49 -11.95 -1.39
N LEU A 36 3.33 -10.96 -2.24
CA LEU A 36 4.42 -10.10 -2.72
C LEU A 36 4.11 -8.75 -2.05
N SER A 37 5.03 -8.23 -1.26
N SER A 37 5.02 -8.26 -1.22
CA SER A 37 4.76 -6.97 -0.60
CA SER A 37 4.79 -7.02 -0.48
C SER A 37 5.93 -6.02 -0.75
C SER A 37 5.96 -6.04 -0.68
N TYR A 38 5.70 -4.72 -0.55
CA TYR A 38 6.76 -3.75 -0.66
C TYR A 38 6.64 -2.71 0.45
N TYR A 39 7.79 -2.23 0.88
CA TYR A 39 7.92 -1.39 2.08
C TYR A 39 8.85 -0.24 1.82
N GLU A 40 8.73 0.79 2.65
CA GLU A 40 9.76 1.85 2.64
C GLU A 40 11.02 1.14 3.23
N TYR A 41 12.23 1.62 2.89
CA TYR A 41 13.41 1.02 3.49
C TYR A 41 14.00 2.05 4.49
N ASP A 42 14.24 1.63 5.76
CA ASP A 42 14.82 2.52 6.75
C ASP A 42 16.33 2.33 6.68
N PHE A 43 16.99 3.14 5.85
CA PHE A 43 18.44 3.04 5.63
C PHE A 43 19.26 3.25 6.92
N GLU A 44 18.92 4.28 7.68
CA GLU A 44 19.64 4.63 8.92
C GLU A 44 19.70 3.50 9.92
N ARG A 45 18.56 2.80 10.11
CA ARG A 45 18.46 1.69 11.07
C ARG A 45 18.70 0.33 10.41
N GLY A 46 18.82 0.31 9.10
CA GLY A 46 19.11 -0.90 8.32
C GLY A 46 18.03 -1.95 8.47
N ARG A 47 16.77 -1.55 8.22
CA ARG A 47 15.63 -2.47 8.34
C ARG A 47 14.46 -2.00 7.49
N ARG A 48 13.47 -2.87 7.29
CA ARG A 48 12.32 -2.41 6.54
C ARG A 48 11.49 -1.43 7.34
N GLY A 49 10.96 -0.47 6.64
CA GLY A 49 10.05 0.54 7.18
C GLY A 49 8.60 0.15 6.98
N SER A 50 7.72 1.15 6.86
N SER A 50 7.73 1.17 6.80
CA SER A 50 6.28 0.95 6.74
CA SER A 50 6.29 1.00 6.64
C SER A 50 5.89 0.25 5.44
C SER A 50 5.90 0.23 5.40
N LYS A 51 4.91 -0.64 5.54
CA LYS A 51 4.36 -1.37 4.38
C LYS A 51 3.65 -0.38 3.44
N LYS A 52 3.97 -0.46 2.14
CA LYS A 52 3.37 0.41 1.12
C LYS A 52 2.27 -0.32 0.32
N GLY A 53 2.35 -1.64 0.26
CA GLY A 53 1.42 -2.42 -0.55
C GLY A 53 1.69 -3.90 -0.50
N SER A 54 0.68 -4.70 -0.87
CA SER A 54 0.80 -6.16 -0.87
C SER A 54 -0.14 -6.72 -1.94
N ILE A 55 0.31 -7.79 -2.66
CA ILE A 55 -0.47 -8.48 -3.71
C ILE A 55 -0.51 -9.94 -3.29
N ASP A 56 -1.72 -10.50 -3.12
CA ASP A 56 -1.85 -11.93 -2.87
C ASP A 56 -1.36 -12.62 -4.16
N VAL A 57 -0.45 -13.56 -4.02
CA VAL A 57 0.17 -14.27 -5.15
C VAL A 57 -0.86 -14.91 -6.08
N GLU A 58 -2.01 -15.37 -5.51
CA GLU A 58 -3.08 -15.98 -6.31
C GLU A 58 -3.66 -15.04 -7.35
N LYS A 59 -3.48 -13.69 -7.18
CA LYS A 59 -4.00 -12.69 -8.11
C LYS A 59 -3.03 -12.39 -9.28
N ILE A 60 -1.76 -12.85 -9.19
CA ILE A 60 -0.81 -12.56 -10.25
C ILE A 60 -1.10 -13.39 -11.50
N THR A 61 -1.11 -12.75 -12.66
CA THR A 61 -1.41 -13.42 -13.92
C THR A 61 -0.19 -13.62 -14.83
N CYS A 62 0.91 -12.85 -14.62
CA CYS A 62 2.04 -12.88 -15.53
C CYS A 62 3.21 -12.24 -14.82
N VAL A 63 4.41 -12.83 -15.00
CA VAL A 63 5.67 -12.24 -14.53
C VAL A 63 6.68 -12.38 -15.64
N GLU A 64 7.22 -11.27 -16.17
CA GLU A 64 8.19 -11.38 -17.24
C GLU A 64 9.12 -10.19 -17.23
N THR A 65 10.16 -10.20 -18.10
CA THR A 65 10.98 -9.02 -18.23
C THR A 65 10.17 -7.95 -19.01
N VAL A 66 10.73 -6.75 -19.09
CA VAL A 66 10.19 -5.62 -19.88
C VAL A 66 11.36 -5.13 -20.72
N VAL A 67 11.09 -4.72 -21.98
CA VAL A 67 12.13 -4.10 -22.84
C VAL A 67 12.52 -2.79 -22.11
N PRO A 68 13.84 -2.55 -21.93
CA PRO A 68 14.26 -1.35 -21.18
C PRO A 68 13.89 -0.03 -21.86
N GLU A 69 13.91 1.04 -21.05
CA GLU A 69 13.64 2.40 -21.53
C GLU A 69 14.67 2.73 -22.61
N LYS A 70 14.25 3.51 -23.64
CA LYS A 70 15.16 3.84 -24.73
C LYS A 70 16.24 4.83 -24.32
N ASN A 71 15.90 5.83 -23.48
CA ASN A 71 16.87 6.86 -23.04
C ASN A 71 16.82 7.03 -21.51
N PRO A 72 17.20 6.00 -20.74
CA PRO A 72 17.10 6.14 -19.29
C PRO A 72 18.07 7.14 -18.67
N PRO A 73 17.72 7.70 -17.48
CA PRO A 73 18.68 8.52 -16.75
C PRO A 73 19.85 7.65 -16.24
N PRO A 74 20.96 8.25 -15.75
CA PRO A 74 22.10 7.45 -15.30
C PRO A 74 21.76 6.35 -14.28
N GLU A 75 20.79 6.61 -13.39
CA GLU A 75 20.38 5.64 -12.37
C GLU A 75 19.88 4.33 -12.96
N ARG A 76 19.40 4.36 -14.23
CA ARG A 76 18.84 3.16 -14.87
C ARG A 76 19.57 2.72 -16.15
N GLN A 77 20.80 3.20 -16.37
CA GLN A 77 21.53 2.81 -17.55
C GLN A 77 22.20 1.46 -17.40
N ILE A 78 22.06 0.65 -18.45
CA ILE A 78 22.68 -0.67 -18.45
C ILE A 78 24.21 -0.55 -18.66
N PRO A 79 25.02 -1.14 -17.75
CA PRO A 79 26.49 -1.08 -17.89
C PRO A 79 27.00 -1.97 -19.02
N ARG A 80 28.25 -1.74 -19.48
CA ARG A 80 28.80 -2.62 -20.51
C ARG A 80 29.07 -4.00 -19.89
N ARG A 81 28.89 -5.08 -20.68
CA ARG A 81 29.03 -6.48 -20.26
C ARG A 81 30.38 -6.75 -19.54
N GLY A 82 30.35 -7.66 -18.58
CA GLY A 82 31.50 -8.04 -17.77
C GLY A 82 31.87 -6.97 -16.75
N GLU A 87 32.15 -10.24 -7.66
CA GLU A 87 32.27 -9.53 -6.39
C GLU A 87 31.39 -8.27 -6.38
N MET A 88 30.36 -8.30 -5.52
CA MET A 88 29.34 -7.26 -5.39
C MET A 88 29.90 -5.85 -5.07
N GLU A 89 29.44 -4.83 -5.83
CA GLU A 89 29.84 -3.46 -5.56
C GLU A 89 28.74 -2.78 -4.76
N GLN A 90 29.11 -2.41 -3.54
CA GLN A 90 28.20 -1.92 -2.54
C GLN A 90 27.39 -0.74 -2.99
N ILE A 91 28.04 0.21 -3.67
CA ILE A 91 27.35 1.44 -4.07
C ILE A 91 26.42 1.21 -5.25
N SER A 92 26.94 0.59 -6.29
CA SER A 92 26.14 0.37 -7.51
C SER A 92 24.91 -0.50 -7.26
N ILE A 93 25.02 -1.48 -6.34
CA ILE A 93 23.90 -2.36 -6.07
C ILE A 93 22.73 -1.66 -5.34
N ILE A 94 22.93 -0.43 -4.80
CA ILE A 94 21.80 0.30 -4.23
C ILE A 94 21.59 1.63 -4.94
N GLU A 95 22.40 1.97 -5.96
CA GLU A 95 22.25 3.22 -6.71
C GLU A 95 21.79 3.04 -8.14
N ARG A 96 22.13 1.90 -8.78
CA ARG A 96 21.80 1.73 -10.20
C ARG A 96 20.86 0.55 -10.36
N PHE A 97 19.76 0.76 -11.14
CA PHE A 97 18.69 -0.24 -11.28
C PHE A 97 18.28 -0.39 -12.74
N PRO A 98 19.12 -1.04 -13.58
CA PRO A 98 18.88 -1.01 -15.02
C PRO A 98 17.96 -2.10 -15.58
N TYR A 99 17.58 -3.13 -14.78
CA TYR A 99 16.93 -4.32 -15.34
C TYR A 99 15.48 -4.43 -14.89
N PRO A 100 14.53 -4.01 -15.75
CA PRO A 100 13.13 -4.03 -15.33
C PRO A 100 12.41 -5.35 -15.55
N PHE A 101 11.41 -5.58 -14.72
CA PHE A 101 10.48 -6.71 -14.90
C PHE A 101 9.07 -6.23 -14.55
N GLN A 102 8.08 -7.02 -14.96
CA GLN A 102 6.70 -6.65 -14.70
C GLN A 102 5.98 -7.75 -14.00
N VAL A 103 5.13 -7.35 -13.07
CA VAL A 103 4.25 -8.27 -12.32
C VAL A 103 2.86 -7.80 -12.70
N VAL A 104 2.11 -8.63 -13.45
CA VAL A 104 0.78 -8.26 -13.91
C VAL A 104 -0.28 -8.91 -12.99
N TYR A 105 -1.29 -8.13 -12.56
CA TYR A 105 -2.35 -8.66 -11.70
C TYR A 105 -3.64 -7.96 -12.03
N ASP A 106 -4.67 -8.18 -11.19
CA ASP A 106 -6.02 -7.63 -11.26
C ASP A 106 -6.04 -6.17 -11.75
N GLU A 107 -5.21 -5.31 -11.15
CA GLU A 107 -5.19 -3.87 -11.41
C GLU A 107 -4.22 -3.39 -12.53
N GLY A 108 -3.56 -4.33 -13.22
CA GLY A 108 -2.67 -4.01 -14.34
C GLY A 108 -1.21 -4.33 -14.06
N PRO A 109 -0.25 -3.75 -14.82
CA PRO A 109 1.17 -4.09 -14.55
C PRO A 109 1.85 -3.25 -13.49
N LEU A 110 2.75 -3.89 -12.70
CA LEU A 110 3.61 -3.23 -11.72
C LEU A 110 5.00 -3.37 -12.27
N TYR A 111 5.74 -2.25 -12.37
CA TYR A 111 7.09 -2.25 -12.95
C TYR A 111 8.14 -2.08 -11.88
N VAL A 112 9.07 -3.05 -11.83
CA VAL A 112 10.10 -3.14 -10.79
C VAL A 112 11.46 -3.19 -11.47
N PHE A 113 12.45 -2.42 -10.94
CA PHE A 113 13.78 -2.35 -11.56
C PHE A 113 14.84 -2.92 -10.64
N SER A 114 15.56 -3.92 -11.16
CA SER A 114 16.60 -4.62 -10.42
C SER A 114 17.99 -4.04 -10.70
N PRO A 115 18.89 -4.06 -9.70
CA PRO A 115 20.26 -3.61 -9.96
C PRO A 115 21.09 -4.55 -10.82
N THR A 116 20.70 -5.85 -10.91
CA THR A 116 21.50 -6.80 -11.68
C THR A 116 20.60 -7.74 -12.48
N GLU A 117 21.16 -8.34 -13.54
CA GLU A 117 20.40 -9.34 -14.31
C GLU A 117 20.19 -10.57 -13.47
N GLU A 118 21.21 -10.99 -12.68
CA GLU A 118 21.07 -12.22 -11.89
C GLU A 118 19.92 -12.08 -10.87
N LEU A 119 19.82 -10.90 -10.21
CA LEU A 119 18.76 -10.74 -9.22
C LEU A 119 17.40 -10.71 -9.87
N ARG A 120 17.29 -10.07 -11.05
CA ARG A 120 16.01 -10.07 -11.78
C ARG A 120 15.60 -11.51 -12.12
N LYS A 121 16.59 -12.32 -12.58
CA LYS A 121 16.32 -13.69 -12.97
C LYS A 121 15.85 -14.49 -11.74
N ARG A 122 16.51 -14.30 -10.58
CA ARG A 122 16.11 -15.01 -9.36
C ARG A 122 14.65 -14.69 -8.99
N TRP A 123 14.27 -13.40 -9.09
CA TRP A 123 12.89 -13.00 -8.76
C TRP A 123 11.87 -13.51 -9.78
N ILE A 124 12.21 -13.46 -11.08
CA ILE A 124 11.25 -13.95 -12.08
C ILE A 124 11.04 -15.46 -11.88
N HIS A 125 12.15 -16.21 -11.71
CA HIS A 125 12.00 -17.66 -11.47
C HIS A 125 11.18 -17.97 -10.24
N GLN A 126 11.46 -17.33 -9.10
CA GLN A 126 10.67 -17.59 -7.92
C GLN A 126 9.24 -17.16 -8.03
N LEU A 127 8.98 -15.96 -8.61
CA LEU A 127 7.58 -15.55 -8.82
C LEU A 127 6.86 -16.58 -9.72
N LYS A 128 7.51 -17.03 -10.81
CA LYS A 128 6.86 -18.03 -11.68
C LYS A 128 6.55 -19.31 -10.90
N ASN A 129 7.43 -19.70 -9.95
CA ASN A 129 7.19 -20.88 -9.14
C ASN A 129 5.94 -20.68 -8.23
N VAL A 130 5.85 -19.55 -7.49
CA VAL A 130 4.75 -19.37 -6.54
C VAL A 130 3.38 -19.18 -7.25
N ILE A 131 3.37 -18.70 -8.49
CA ILE A 131 2.13 -18.49 -9.24
C ILE A 131 1.74 -19.68 -10.11
N ARG A 132 2.61 -20.72 -10.21
CA ARG A 132 2.46 -21.87 -11.11
C ARG A 132 1.05 -22.47 -11.18
N TYR A 133 0.35 -22.52 -10.03
CA TYR A 133 -0.98 -23.15 -9.95
C TYR A 133 -2.14 -22.17 -9.92
N ASN A 134 -1.86 -20.90 -10.26
CA ASN A 134 -2.91 -19.87 -10.34
C ASN A 134 -3.90 -20.20 -11.47
N SER A 135 -5.15 -19.76 -11.29
CA SER A 135 -6.21 -20.04 -12.24
C SER A 135 -6.34 -19.03 -13.40
N ASP A 136 -5.74 -17.84 -13.28
CA ASP A 136 -5.90 -16.82 -14.32
C ASP A 136 -4.59 -16.43 -15.04
N LEU A 137 -3.64 -17.39 -15.15
CA LEU A 137 -2.39 -17.14 -15.85
C LEU A 137 -2.66 -16.87 -17.31
N VAL A 138 -2.10 -15.78 -17.84
CA VAL A 138 -2.32 -15.41 -19.23
C VAL A 138 -1.28 -16.03 -20.15
N GLN A 139 -1.62 -16.17 -21.45
CA GLN A 139 -0.76 -16.77 -22.47
C GLN A 139 -0.07 -15.69 -23.30
N LYS A 140 -0.48 -14.43 -23.10
CA LYS A 140 0.04 -13.29 -23.84
C LYS A 140 0.44 -12.15 -22.91
N TYR A 141 1.36 -11.29 -23.38
CA TYR A 141 1.82 -10.16 -22.56
C TYR A 141 2.23 -8.96 -23.41
N HIS A 142 2.51 -7.85 -22.73
CA HIS A 142 2.99 -6.66 -23.39
C HIS A 142 4.50 -6.60 -23.14
N PRO A 143 5.38 -6.80 -24.16
CA PRO A 143 6.83 -6.78 -23.89
C PRO A 143 7.40 -5.43 -23.46
N CYS A 144 6.67 -4.34 -23.73
CA CYS A 144 7.06 -2.96 -23.46
C CYS A 144 6.22 -2.29 -22.40
N PHE A 145 6.73 -1.19 -21.85
CA PHE A 145 6.01 -0.44 -20.83
C PHE A 145 4.73 0.19 -21.34
N TRP A 146 3.76 0.31 -20.42
CA TRP A 146 2.58 1.17 -20.51
C TRP A 146 3.20 2.55 -20.12
N ILE A 147 3.19 3.55 -21.04
CA ILE A 147 3.76 4.89 -20.82
C ILE A 147 2.87 5.93 -21.49
N ASP A 148 2.55 7.03 -20.77
CA ASP A 148 1.76 8.16 -21.28
C ASP A 148 0.46 7.74 -22.00
N GLY A 149 -0.35 6.95 -21.30
CA GLY A 149 -1.65 6.49 -21.78
C GLY A 149 -1.69 5.39 -22.82
N GLN A 150 -0.52 4.77 -23.15
CA GLN A 150 -0.49 3.67 -24.14
C GLN A 150 0.69 2.72 -23.98
N TYR A 151 0.54 1.47 -24.47
CA TYR A 151 1.63 0.49 -24.50
C TYR A 151 2.56 0.80 -25.65
N LEU A 152 3.87 0.84 -25.39
CA LEU A 152 4.85 1.15 -26.45
C LEU A 152 4.91 0.04 -27.52
N CYS A 153 4.54 -1.20 -27.15
CA CYS A 153 4.58 -2.37 -28.03
C CYS A 153 3.50 -2.37 -29.09
N CYS A 154 2.26 -2.08 -28.71
CA CYS A 154 1.08 -2.22 -29.59
C CYS A 154 0.23 -0.95 -29.72
N SER A 155 0.59 0.13 -29.02
CA SER A 155 -0.13 1.42 -29.00
C SER A 155 -1.56 1.32 -28.44
N GLN A 156 -1.90 0.20 -27.74
CA GLN A 156 -3.22 0.05 -27.12
C GLN A 156 -3.36 0.99 -25.91
N THR A 157 -4.53 1.64 -25.79
CA THR A 157 -4.78 2.65 -24.76
C THR A 157 -5.58 2.15 -23.57
N ALA A 158 -5.66 0.82 -23.38
CA ALA A 158 -6.28 0.22 -22.21
C ALA A 158 -5.17 -0.58 -21.50
N LYS A 159 -4.96 -0.35 -20.17
CA LYS A 159 -3.97 -1.08 -19.38
C LYS A 159 -4.33 -2.56 -19.29
N ASN A 160 -5.65 -2.88 -19.27
CA ASN A 160 -6.16 -4.24 -19.20
C ASN A 160 -6.24 -4.92 -20.55
N ALA A 161 -5.75 -4.26 -21.62
CA ALA A 161 -5.75 -4.86 -22.96
C ALA A 161 -4.94 -6.13 -22.92
N MET A 162 -5.46 -7.18 -23.57
CA MET A 162 -4.80 -8.48 -23.69
C MET A 162 -3.42 -8.23 -24.29
N GLY A 163 -2.41 -8.95 -23.77
CA GLY A 163 -1.07 -8.86 -24.30
C GLY A 163 -1.03 -9.05 -25.80
N CYS A 164 -0.15 -8.29 -26.46
CA CYS A 164 0.02 -8.32 -27.91
C CYS A 164 0.97 -9.42 -28.38
N GLN A 165 1.79 -10.00 -27.48
CA GLN A 165 2.75 -11.04 -27.85
C GLN A 165 2.47 -12.30 -27.11
N ILE A 166 2.48 -13.44 -27.83
CA ILE A 166 2.27 -14.75 -27.23
C ILE A 166 3.53 -15.15 -26.44
N LEU A 167 3.34 -15.64 -25.21
CA LEU A 167 4.42 -16.11 -24.33
C LEU A 167 5.04 -17.40 -24.91
N GLU A 168 6.39 -17.44 -24.98
CA GLU A 168 7.16 -18.57 -25.54
C GLU A 168 7.05 -19.86 -24.72
N ALA B 1 -4.52 16.59 -5.07
CA ALA B 1 -5.93 16.91 -4.79
C ALA B 1 -6.86 15.76 -5.14
N ALA B 2 -6.38 14.79 -5.92
CA ALA B 2 -7.22 13.67 -6.36
C ALA B 2 -7.61 12.81 -5.18
N VAL B 3 -8.82 12.22 -5.21
CA VAL B 3 -9.25 11.32 -4.13
C VAL B 3 -8.54 9.98 -4.34
N ILE B 4 -7.72 9.58 -3.34
CA ILE B 4 -7.00 8.31 -3.34
C ILE B 4 -7.98 7.22 -2.94
N LEU B 5 -8.72 7.44 -1.83
CA LEU B 5 -9.69 6.43 -1.35
C LEU B 5 -10.94 7.11 -0.86
N GLU B 6 -12.11 6.44 -1.04
CA GLU B 6 -13.41 6.92 -0.59
C GLU B 6 -14.13 5.69 0.02
N SER B 7 -14.50 5.77 1.31
CA SER B 7 -15.18 4.65 1.97
C SER B 7 -16.12 5.13 3.05
N ILE B 8 -17.07 4.27 3.43
CA ILE B 8 -17.96 4.54 4.56
C ILE B 8 -17.43 3.70 5.74
N PHE B 9 -17.15 4.37 6.87
CA PHE B 9 -16.65 3.72 8.07
C PHE B 9 -17.42 4.22 9.28
N LEU B 10 -17.35 3.52 10.39
CA LEU B 10 -17.88 4.01 11.67
C LEU B 10 -16.69 4.75 12.34
N LYS B 11 -16.91 5.99 12.83
CA LYS B 11 -15.93 6.81 13.51
C LYS B 11 -16.28 6.86 15.02
N ARG B 12 -15.31 6.65 15.93
CA ARG B 12 -15.58 6.82 17.36
C ARG B 12 -15.45 8.30 17.65
N SER B 13 -16.48 8.89 18.29
CA SER B 13 -16.43 10.33 18.60
C SER B 13 -15.31 10.63 19.61
N GLN B 14 -14.64 11.81 19.46
CA GLN B 14 -13.57 12.24 20.40
C GLN B 14 -14.25 12.66 21.70
N GLN B 15 -13.66 12.33 22.85
CA GLN B 15 -14.22 12.57 24.18
C GLN B 15 -14.02 14.00 24.70
N LEU B 22 -19.56 6.32 25.08
CA LEU B 22 -18.91 6.52 23.77
C LEU B 22 -19.92 6.49 22.64
N ASN B 23 -19.74 7.38 21.65
CA ASN B 23 -20.61 7.47 20.49
C ASN B 23 -19.86 7.08 19.23
N PHE B 24 -20.57 6.43 18.31
CA PHE B 24 -20.05 5.94 17.03
C PHE B 24 -20.96 6.49 15.93
N LYS B 25 -20.38 7.10 14.89
CA LYS B 25 -21.13 7.70 13.78
C LYS B 25 -20.65 7.15 12.47
N LYS B 26 -21.58 6.84 11.56
CA LYS B 26 -21.30 6.34 10.21
C LYS B 26 -20.99 7.55 9.33
N CYS B 27 -19.80 7.61 8.75
CA CYS B 27 -19.35 8.75 7.96
C CYS B 27 -18.73 8.31 6.64
N LEU B 28 -18.66 9.22 5.68
CA LEU B 28 -17.95 9.01 4.42
C LEU B 28 -16.54 9.63 4.62
N PHE B 29 -15.47 8.83 4.39
CA PHE B 29 -14.08 9.28 4.52
C PHE B 29 -13.44 9.39 3.15
N LEU B 30 -12.69 10.49 2.95
CA LEU B 30 -11.93 10.73 1.73
C LEU B 30 -10.48 10.91 2.14
N LEU B 31 -9.58 10.38 1.31
CA LEU B 31 -8.14 10.54 1.51
C LEU B 31 -7.56 11.19 0.30
N THR B 32 -6.80 12.27 0.50
CA THR B 32 -6.00 12.89 -0.59
C THR B 32 -4.57 12.96 -0.07
N VAL B 33 -3.59 13.40 -0.90
CA VAL B 33 -2.22 13.54 -0.40
C VAL B 33 -2.11 14.63 0.69
N HIS B 34 -3.12 15.52 0.76
CA HIS B 34 -3.11 16.65 1.69
C HIS B 34 -3.94 16.49 2.97
N LYS B 35 -5.16 15.85 2.85
CA LYS B 35 -6.05 15.75 3.99
C LYS B 35 -6.76 14.43 4.07
N LEU B 36 -7.09 14.05 5.31
CA LEU B 36 -8.00 12.94 5.61
C LEU B 36 -9.25 13.66 6.10
N SER B 37 -10.35 13.58 5.35
N SER B 37 -10.35 13.58 5.32
CA SER B 37 -11.57 14.25 5.76
CA SER B 37 -11.60 14.27 5.61
C SER B 37 -12.71 13.29 5.91
C SER B 37 -12.77 13.33 5.79
N TYR B 38 -13.72 13.68 6.68
CA TYR B 38 -14.90 12.85 6.89
C TYR B 38 -16.13 13.73 6.86
N TYR B 39 -17.21 13.17 6.30
CA TYR B 39 -18.44 13.86 5.98
C TYR B 39 -19.63 13.06 6.43
N GLU B 40 -20.78 13.74 6.59
CA GLU B 40 -22.03 13.03 6.77
C GLU B 40 -22.27 12.38 5.43
N TYR B 41 -22.98 11.23 5.38
CA TYR B 41 -23.26 10.64 4.10
C TYR B 41 -24.73 10.86 3.75
N ASP B 42 -25.01 11.37 2.53
CA ASP B 42 -26.40 11.60 2.11
C ASP B 42 -26.82 10.32 1.38
N PHE B 43 -27.39 9.37 2.14
CA PHE B 43 -27.77 8.08 1.62
C PHE B 43 -28.83 8.21 0.52
N GLU B 44 -29.85 9.03 0.76
CA GLU B 44 -30.96 9.20 -0.19
C GLU B 44 -30.51 9.63 -1.59
N ARG B 45 -29.56 10.59 -1.65
CA ARG B 45 -29.05 11.10 -2.90
C ARG B 45 -27.76 10.39 -3.36
N GLY B 46 -27.24 9.51 -2.52
CA GLY B 46 -26.06 8.71 -2.84
C GLY B 46 -24.83 9.55 -3.08
N ARG B 47 -24.52 10.44 -2.15
CA ARG B 47 -23.35 11.35 -2.27
C ARG B 47 -22.93 11.84 -0.91
N ARG B 48 -21.74 12.44 -0.83
CA ARG B 48 -21.34 12.97 0.46
C ARG B 48 -22.15 14.21 0.84
N GLY B 49 -22.42 14.31 2.14
CA GLY B 49 -23.10 15.43 2.76
C GLY B 49 -22.10 16.42 3.31
N SER B 50 -22.48 17.09 4.39
CA SER B 50 -21.66 18.12 5.03
C SER B 50 -20.38 17.58 5.63
N LYS B 51 -19.30 18.36 5.52
CA LYS B 51 -18.01 18.03 6.11
C LYS B 51 -18.11 18.09 7.63
N LYS B 52 -17.62 17.05 8.32
CA LYS B 52 -17.64 16.97 9.78
C LYS B 52 -16.30 17.29 10.41
N GLY B 53 -15.23 17.00 9.67
CA GLY B 53 -13.88 17.24 10.18
C GLY B 53 -12.81 16.81 9.20
N SER B 54 -11.58 17.14 9.56
CA SER B 54 -10.42 16.90 8.72
C SER B 54 -9.18 16.79 9.57
N ILE B 55 -8.18 16.06 9.07
CA ILE B 55 -6.86 15.98 9.70
C ILE B 55 -5.86 16.26 8.56
N ASP B 56 -4.97 17.26 8.69
CA ASP B 56 -3.96 17.47 7.64
C ASP B 56 -3.03 16.25 7.66
N VAL B 57 -2.73 15.68 6.49
CA VAL B 57 -1.85 14.51 6.38
C VAL B 57 -0.52 14.75 7.10
N GLU B 58 0.01 15.97 6.98
CA GLU B 58 1.28 16.32 7.61
C GLU B 58 1.29 16.19 9.13
N LYS B 59 0.12 16.20 9.79
CA LYS B 59 0.04 16.08 11.24
C LYS B 59 0.00 14.62 11.75
N ILE B 60 -0.23 13.66 10.85
CA ILE B 60 -0.33 12.27 11.26
C ILE B 60 1.05 11.71 11.67
N THR B 61 1.10 11.02 12.80
CA THR B 61 2.35 10.45 13.30
C THR B 61 2.42 8.91 13.19
N CYS B 62 1.25 8.24 13.06
CA CYS B 62 1.20 6.78 13.10
C CYS B 62 -0.15 6.35 12.57
N VAL B 63 -0.16 5.24 11.82
CA VAL B 63 -1.39 4.61 11.36
C VAL B 63 -1.25 3.11 11.55
N GLU B 64 -2.11 2.48 12.37
CA GLU B 64 -1.98 1.03 12.57
C GLU B 64 -3.31 0.40 12.90
N THR B 65 -3.38 -0.93 13.01
CA THR B 65 -4.60 -1.56 13.48
C THR B 65 -4.77 -1.31 14.99
N VAL B 66 -5.91 -1.69 15.53
CA VAL B 66 -6.22 -1.69 16.98
C VAL B 66 -6.74 -3.06 17.33
N VAL B 67 -6.39 -3.59 18.51
CA VAL B 67 -6.94 -4.87 18.98
C VAL B 67 -8.46 -4.64 19.15
N PRO B 68 -9.32 -5.53 18.59
CA PRO B 68 -10.76 -5.28 18.68
C PRO B 68 -11.32 -5.32 20.10
N GLU B 69 -12.49 -4.69 20.29
CA GLU B 69 -13.23 -4.67 21.56
C GLU B 69 -13.53 -6.13 21.94
N LYS B 70 -13.52 -6.44 23.24
CA LYS B 70 -13.79 -7.82 23.69
C LYS B 70 -15.26 -8.21 23.55
N ASN B 71 -16.21 -7.26 23.78
CA ASN B 71 -17.65 -7.54 23.69
C ASN B 71 -18.36 -6.49 22.82
N PRO B 72 -18.06 -6.44 21.50
CA PRO B 72 -18.69 -5.41 20.67
C PRO B 72 -20.18 -5.60 20.43
N PRO B 73 -20.91 -4.50 20.17
CA PRO B 73 -22.33 -4.64 19.79
C PRO B 73 -22.41 -5.20 18.36
N PRO B 74 -23.61 -5.62 17.90
CA PRO B 74 -23.70 -6.22 16.56
C PRO B 74 -23.10 -5.41 15.41
N GLU B 75 -23.20 -4.06 15.42
CA GLU B 75 -22.66 -3.27 14.30
C GLU B 75 -21.11 -3.34 14.21
N ARG B 76 -20.44 -3.94 15.23
CA ARG B 76 -18.97 -4.08 15.18
C ARG B 76 -18.53 -5.53 15.45
N GLN B 77 -19.44 -6.50 15.25
CA GLN B 77 -19.09 -7.89 15.55
C GLN B 77 -18.42 -8.62 14.38
N ILE B 78 -17.20 -9.23 14.60
CA ILE B 78 -16.45 -10.02 13.59
C ILE B 78 -17.32 -11.26 13.36
N PRO B 79 -17.96 -11.45 12.17
CA PRO B 79 -18.91 -12.57 12.03
C PRO B 79 -18.29 -13.97 12.15
N GLU B 89 -21.69 -9.10 1.69
CA GLU B 89 -22.84 -8.68 0.90
C GLU B 89 -23.07 -7.14 0.92
N GLN B 90 -24.04 -6.66 0.07
CA GLN B 90 -24.37 -5.26 -0.03
C GLN B 90 -24.77 -4.62 1.32
N ILE B 91 -25.55 -5.37 2.10
CA ILE B 91 -26.04 -4.89 3.36
C ILE B 91 -24.94 -4.92 4.43
N SER B 92 -24.21 -6.06 4.54
CA SER B 92 -23.19 -6.15 5.58
C SER B 92 -22.06 -5.14 5.40
N ILE B 93 -21.73 -4.80 4.15
CA ILE B 93 -20.64 -3.83 3.89
C ILE B 93 -21.00 -2.40 4.32
N ILE B 94 -22.29 -2.10 4.63
CA ILE B 94 -22.63 -0.77 5.16
C ILE B 94 -23.28 -0.88 6.56
N GLU B 95 -23.43 -2.11 7.10
CA GLU B 95 -24.05 -2.30 8.43
C GLU B 95 -23.10 -2.79 9.52
N ARG B 96 -22.08 -3.58 9.16
CA ARG B 96 -21.19 -4.21 10.11
C ARG B 96 -19.78 -3.69 9.86
N PHE B 97 -19.12 -3.24 10.95
CA PHE B 97 -17.81 -2.58 10.88
C PHE B 97 -16.88 -3.15 11.95
N PRO B 98 -16.37 -4.36 11.72
CA PRO B 98 -15.66 -5.05 12.80
C PRO B 98 -14.17 -4.79 12.90
N TYR B 99 -13.54 -4.14 11.91
CA TYR B 99 -12.08 -4.08 11.83
C TYR B 99 -11.56 -2.67 12.10
N PRO B 100 -11.07 -2.41 13.32
CA PRO B 100 -10.66 -1.05 13.66
C PRO B 100 -9.24 -0.73 13.28
N PHE B 101 -9.00 0.55 13.02
CA PHE B 101 -7.66 1.06 12.88
C PHE B 101 -7.58 2.43 13.55
N GLN B 102 -6.34 2.91 13.77
CA GLN B 102 -6.16 4.18 14.42
C GLN B 102 -5.30 5.08 13.60
N VAL B 103 -5.64 6.36 13.60
CA VAL B 103 -4.86 7.40 12.94
C VAL B 103 -4.43 8.30 14.09
N VAL B 104 -3.11 8.32 14.41
CA VAL B 104 -2.60 9.05 15.56
C VAL B 104 -2.03 10.39 15.08
N TYR B 105 -2.15 11.39 15.93
CA TYR B 105 -1.61 12.71 15.73
C TYR B 105 -1.44 13.32 17.14
N ASP B 106 -0.84 14.52 17.31
CA ASP B 106 -0.61 15.11 18.64
C ASP B 106 -1.89 15.14 19.52
N GLU B 107 -3.05 15.46 18.91
CA GLU B 107 -4.36 15.50 19.56
C GLU B 107 -4.99 14.09 19.66
N GLY B 108 -4.19 13.12 20.16
CA GLY B 108 -4.56 11.72 20.40
C GLY B 108 -4.92 10.87 19.19
N PRO B 109 -5.43 9.64 19.41
CA PRO B 109 -5.82 8.81 18.25
C PRO B 109 -7.27 9.03 17.79
N LEU B 110 -7.52 8.78 16.50
CA LEU B 110 -8.81 8.78 15.89
C LEU B 110 -9.06 7.30 15.59
N TYR B 111 -10.21 6.77 16.03
CA TYR B 111 -10.53 5.36 15.83
C TYR B 111 -11.59 5.19 14.76
N VAL B 112 -11.27 4.40 13.75
CA VAL B 112 -12.07 4.20 12.54
C VAL B 112 -12.34 2.71 12.37
N PHE B 113 -13.59 2.30 12.04
CA PHE B 113 -13.92 0.90 11.92
C PHE B 113 -14.35 0.55 10.48
N SER B 114 -13.63 -0.44 9.91
CA SER B 114 -13.86 -0.85 8.55
C SER B 114 -14.77 -2.07 8.47
N PRO B 115 -15.59 -2.17 7.39
CA PRO B 115 -16.42 -3.36 7.23
C PRO B 115 -15.64 -4.62 6.86
N THR B 116 -14.43 -4.49 6.28
CA THR B 116 -13.66 -5.67 5.83
C THR B 116 -12.20 -5.52 6.20
N GLU B 117 -11.51 -6.65 6.33
CA GLU B 117 -10.06 -6.63 6.55
C GLU B 117 -9.32 -6.08 5.33
N GLU B 118 -9.76 -6.42 4.10
CA GLU B 118 -9.10 -5.94 2.87
C GLU B 118 -9.16 -4.41 2.80
N LEU B 119 -10.32 -3.82 3.13
CA LEU B 119 -10.45 -2.38 3.02
C LEU B 119 -9.60 -1.70 4.08
N ARG B 120 -9.53 -2.27 5.30
CA ARG B 120 -8.67 -1.69 6.34
C ARG B 120 -7.20 -1.73 5.86
N LYS B 121 -6.78 -2.85 5.26
CA LYS B 121 -5.39 -2.98 4.76
C LYS B 121 -5.12 -1.93 3.69
N ARG B 122 -6.06 -1.72 2.76
CA ARG B 122 -5.88 -0.73 1.68
C ARG B 122 -5.69 0.67 2.27
N TRP B 123 -6.51 1.04 3.27
CA TRP B 123 -6.43 2.37 3.90
C TRP B 123 -5.16 2.52 4.71
N ILE B 124 -4.74 1.48 5.44
CA ILE B 124 -3.51 1.61 6.24
C ILE B 124 -2.30 1.79 5.27
N HIS B 125 -2.22 0.97 4.21
CA HIS B 125 -1.12 1.14 3.24
C HIS B 125 -1.15 2.53 2.59
N GLN B 126 -2.34 3.04 2.15
CA GLN B 126 -2.36 4.36 1.52
C GLN B 126 -2.04 5.48 2.48
N LEU B 127 -2.51 5.39 3.74
CA LEU B 127 -2.16 6.39 4.75
C LEU B 127 -0.66 6.36 5.02
N LYS B 128 -0.08 5.15 5.19
CA LYS B 128 1.38 5.08 5.43
C LYS B 128 2.15 5.70 4.25
N ASN B 129 1.64 5.55 3.01
CA ASN B 129 2.30 6.14 1.85
C ASN B 129 2.26 7.69 1.90
N VAL B 130 1.07 8.29 2.17
CA VAL B 130 0.97 9.75 2.15
C VAL B 130 1.69 10.44 3.30
N ILE B 131 1.93 9.74 4.41
CA ILE B 131 2.61 10.34 5.57
C ILE B 131 4.15 10.16 5.51
N ARG B 132 4.68 9.56 4.43
CA ARG B 132 6.12 9.21 4.35
C ARG B 132 7.10 10.37 4.55
N TYR B 133 6.69 11.61 4.24
CA TYR B 133 7.58 12.79 4.39
C TYR B 133 7.43 13.49 5.73
N ASN B 134 6.52 13.00 6.61
CA ASN B 134 6.23 13.66 7.86
C ASN B 134 7.43 13.70 8.79
N SER B 135 7.52 14.76 9.59
CA SER B 135 8.65 14.98 10.47
C SER B 135 8.54 14.33 11.85
N ASP B 136 7.31 13.99 12.28
CA ASP B 136 7.15 13.43 13.62
C ASP B 136 6.59 12.01 13.63
N LEU B 137 7.00 11.16 12.66
CA LEU B 137 6.58 9.74 12.62
C LEU B 137 7.14 9.02 13.83
N VAL B 138 6.29 8.34 14.58
CA VAL B 138 6.69 7.66 15.81
C VAL B 138 7.08 6.21 15.52
N GLN B 139 7.91 5.63 16.41
CA GLN B 139 8.42 4.26 16.30
C GLN B 139 7.68 3.33 17.24
N LYS B 140 6.78 3.90 18.07
CA LYS B 140 5.99 3.17 19.05
C LYS B 140 4.50 3.55 19.00
N TYR B 141 3.63 2.64 19.43
CA TYR B 141 2.17 2.90 19.42
C TYR B 141 1.45 2.18 20.55
N HIS B 142 0.16 2.47 20.70
CA HIS B 142 -0.67 1.79 21.67
C HIS B 142 -1.51 0.75 20.90
N PRO B 143 -1.29 -0.57 21.08
CA PRO B 143 -2.07 -1.56 20.31
C PRO B 143 -3.55 -1.63 20.64
N CYS B 144 -3.95 -1.12 21.81
CA CYS B 144 -5.32 -1.16 22.32
C CYS B 144 -5.97 0.21 22.41
N PHE B 145 -7.31 0.23 22.53
CA PHE B 145 -8.06 1.49 22.65
C PHE B 145 -7.76 2.27 23.92
N TRP B 146 -7.90 3.60 23.83
CA TRP B 146 -7.98 4.47 24.99
C TRP B 146 -9.49 4.34 25.34
N ILE B 147 -9.80 3.90 26.56
CA ILE B 147 -11.17 3.70 27.02
C ILE B 147 -11.25 4.07 28.52
N ASP B 148 -12.27 4.86 28.89
CA ASP B 148 -12.55 5.24 30.29
C ASP B 148 -11.32 5.77 31.06
N GLY B 149 -10.71 6.79 30.50
CA GLY B 149 -9.58 7.48 31.12
C GLY B 149 -8.21 6.88 30.98
N GLN B 150 -8.09 5.71 30.31
CA GLN B 150 -6.77 5.10 30.13
C GLN B 150 -6.64 4.20 28.89
N TYR B 151 -5.39 3.91 28.48
CA TYR B 151 -5.09 2.93 27.43
C TYR B 151 -5.20 1.53 28.01
N LEU B 152 -5.94 0.64 27.33
CA LEU B 152 -6.08 -0.74 27.82
C LEU B 152 -4.77 -1.52 27.80
N CYS B 153 -3.82 -1.12 26.93
CA CYS B 153 -2.54 -1.79 26.76
C CYS B 153 -1.56 -1.55 27.92
N CYS B 154 -1.42 -0.28 28.34
CA CYS B 154 -0.40 0.13 29.33
C CYS B 154 -0.92 0.87 30.55
N SER B 155 -2.23 1.11 30.63
CA SER B 155 -2.91 1.84 31.71
C SER B 155 -2.47 3.33 31.84
N GLN B 156 -1.79 3.88 30.81
CA GLN B 156 -1.38 5.30 30.81
C GLN B 156 -2.60 6.20 30.64
N THR B 157 -2.66 7.30 31.43
CA THR B 157 -3.84 8.18 31.48
C THR B 157 -3.71 9.46 30.66
N ALA B 158 -2.71 9.52 29.76
CA ALA B 158 -2.50 10.64 28.84
C ALA B 158 -2.68 10.07 27.44
N LYS B 159 -3.54 10.69 26.60
CA LYS B 159 -3.79 10.27 25.22
C LYS B 159 -2.54 10.45 24.37
N ASN B 160 -1.73 11.48 24.68
CA ASN B 160 -0.48 11.77 23.98
C ASN B 160 0.72 10.99 24.52
N ALA B 161 0.48 10.05 25.47
CA ALA B 161 1.56 9.23 26.00
C ALA B 161 2.21 8.46 24.87
N MET B 162 3.55 8.38 24.90
CA MET B 162 4.37 7.61 23.97
C MET B 162 3.80 6.20 23.93
N GLY B 163 3.70 5.63 22.73
CA GLY B 163 3.25 4.25 22.58
C GLY B 163 4.06 3.29 23.43
N CYS B 164 3.37 2.29 23.95
CA CYS B 164 3.98 1.28 24.82
C CYS B 164 4.62 0.11 24.06
N GLN B 165 4.30 -0.03 22.76
CA GLN B 165 4.84 -1.12 21.94
C GLN B 165 5.60 -0.61 20.77
N ILE B 166 6.77 -1.19 20.50
CA ILE B 166 7.61 -0.80 19.37
C ILE B 166 6.98 -1.34 18.08
N LEU B 167 6.91 -0.49 17.06
CA LEU B 167 6.37 -0.85 15.75
C LEU B 167 7.27 -1.85 15.05
N GLU B 168 6.68 -2.97 14.61
CA GLU B 168 7.34 -4.06 13.91
C GLU B 168 6.65 -4.25 12.57
N ASN B 169 7.33 -3.88 11.49
CA ASN B 169 6.77 -3.94 10.14
C ASN B 169 6.91 -5.29 9.47
MG MG C . 17.65 -7.11 7.60
O11 72V D . 1.45 -0.40 -6.52
C8 72V D . 2.01 -1.42 -6.12
C9 72V D . 3.47 -1.88 -6.35
C1 72V D . 3.61 -3.13 -5.61
C2 72V D . 4.72 -3.98 -5.45
C3 72V D . 4.59 -5.12 -4.62
C4 72V D . 3.36 -5.38 -3.97
C5 72V D . 2.23 -4.53 -4.13
C6 72V D . 2.37 -3.41 -4.97
N7 72V D . 1.42 -2.41 -5.30
C10 72V D . 0.01 -2.44 -4.90
O11 72V E . 4.01 6.62 -1.40
C8 72V E . 4.44 7.57 -2.04
C9 72V E . 5.78 7.69 -2.81
C1 72V E . 5.79 9.03 -3.39
C2 72V E . 6.76 9.66 -4.19
C3 72V E . 6.48 10.96 -4.66
C4 72V E . 5.28 11.61 -4.32
C5 72V E . 4.30 10.99 -3.50
C6 72V E . 4.57 9.68 -3.02
N7 72V E . 3.78 8.82 -2.22
C10 72V E . 2.50 9.20 -1.64
O11 72V F . 1.82 7.36 -4.34
C8 72V F . 2.80 6.81 -4.79
C9 72V F . 3.89 7.39 -5.72
O12 72V F . 3.90 8.52 -6.16
C1 72V F . 4.84 6.30 -5.93
C2 72V F . 6.00 6.25 -6.71
C3 72V F . 6.70 5.02 -6.81
C4 72V F . 6.23 3.89 -6.12
C5 72V F . 5.07 3.91 -5.30
C6 72V F . 4.36 5.13 -5.23
N7 72V F . 3.15 5.44 -4.54
C10 72V F . 2.40 4.53 -3.67
ZN ZN G . 1.45 -4.54 -26.28
MG MG H . -20.12 8.94 -5.43
O11 72V I . -1.80 16.16 -6.27
C8 72V I . -2.04 16.88 -5.32
C9 72V I . -3.40 17.28 -4.75
C1 72V I . -3.13 18.22 -3.68
C2 72V I . -4.01 18.93 -2.83
C3 72V I . -3.45 19.80 -1.87
C4 72V I . -2.07 19.93 -1.75
C5 72V I . -1.17 19.23 -2.60
C6 72V I . -1.71 18.38 -3.57
N7 72V I . -1.07 17.59 -4.55
C10 72V I . 0.40 17.47 -4.71
ZN ZN J . -0.32 1.57 25.51
#